data_3UBG
#
_entry.id   3UBG
#
_cell.length_a   106.218
_cell.length_b   113.769
_cell.length_c   87.872
_cell.angle_alpha   90.00
_cell.angle_beta   123.57
_cell.angle_gamma   90.00
#
_symmetry.space_group_name_H-M   'C 1 2 1'
#
loop_
_entity.id
_entity.type
_entity.pdbx_description
1 polymer Neural-cadherin
2 non-polymer 'ZINC ION'
3 non-polymer 'CALCIUM ION'
4 water water
#
_entity_poly.entity_id   1
_entity_poly.type   'polypeptide(L)'
_entity_poly.pdbx_seq_one_letter_code
;SAVRPTKRIEFTEADGDTEGKSVFQLEKETDKETFKIRDDNPWVTVETNGAVRVKKKWDYEELGPEKTIDFWVIITNMGH
NAGIKYTDNQRVIILVKDVNDEPPYFINRPLPMQAVVQLNAPPNTPVFTLQARDPDTDHNIHYFIVRDRTGGRFEVDERS
GVVRTRGTDLFQLDMEYVLYVKAEDQNGKVDDRRFQSTPEERLSIVGGKRAPQFYMPSYEAEIPENQKKDSDIISIKAKS
FADREIRYTLKAQGQGAGTFNIGPTSGIVKLAKELDFEDLRQPHVYSLIVTATEDSGGFSTSVDLTIRVTDVNDNA
;
_entity_poly.pdbx_strand_id   A,B
#
loop_
_chem_comp.id
_chem_comp.type
_chem_comp.name
_chem_comp.formula
CA non-polymer 'CALCIUM ION' 'Ca 2'
ZN non-polymer 'ZINC ION' 'Zn 2'
#
# COMPACT_ATOMS: atom_id res chain seq x y z
N ALA A 2 31.05 -18.73 -21.17
CA ALA A 2 29.90 -19.32 -21.85
C ALA A 2 28.74 -19.61 -20.88
N VAL A 3 27.52 -19.66 -21.42
CA VAL A 3 26.32 -19.71 -20.59
C VAL A 3 25.50 -21.01 -20.76
N ARG A 4 25.15 -21.63 -19.65
CA ARG A 4 24.32 -22.84 -19.67
C ARG A 4 22.85 -22.46 -19.64
N PRO A 5 21.98 -23.38 -20.06
CA PRO A 5 20.54 -23.07 -20.03
C PRO A 5 20.11 -22.77 -18.60
N THR A 6 19.42 -21.64 -18.46
CA THR A 6 18.91 -21.22 -17.18
C THR A 6 18.06 -22.29 -16.53
N LYS A 7 18.22 -22.45 -15.23
CA LYS A 7 17.37 -23.35 -14.47
C LYS A 7 16.18 -22.59 -13.86
N ARG A 8 15.00 -23.00 -14.28
CA ARG A 8 13.76 -22.40 -13.80
CA ARG A 8 13.75 -22.40 -13.81
C ARG A 8 12.98 -23.47 -13.04
N ILE A 9 12.53 -23.13 -11.84
CA ILE A 9 11.89 -24.11 -11.01
C ILE A 9 10.94 -23.46 -9.99
N GLU A 10 9.92 -24.22 -9.63
CA GLU A 10 8.78 -23.79 -8.86
C GLU A 10 8.80 -24.34 -7.45
N PHE A 11 8.35 -23.54 -6.47
CA PHE A 11 8.17 -24.04 -5.11
C PHE A 11 7.22 -23.12 -4.35
N THR A 12 6.59 -23.66 -3.32
CA THR A 12 5.97 -22.83 -2.30
C THR A 12 7.03 -22.28 -1.36
N GLU A 13 6.77 -21.12 -0.76
CA GLU A 13 7.66 -20.61 0.28
C GLU A 13 7.80 -21.62 1.42
N ALA A 14 6.79 -22.47 1.60
CA ALA A 14 6.85 -23.47 2.67
C ALA A 14 7.80 -24.64 2.35
N ASP A 15 8.04 -24.88 1.07
CA ASP A 15 9.03 -25.89 0.68
C ASP A 15 10.42 -25.45 1.16
N GLY A 16 10.59 -24.14 1.35
CA GLY A 16 11.80 -23.59 1.93
C GLY A 16 11.64 -23.22 3.41
N ASP A 17 10.89 -24.02 4.17
CA ASP A 17 10.66 -23.72 5.57
C ASP A 17 11.75 -24.22 6.53
N THR A 18 12.80 -24.84 5.98
CA THR A 18 13.86 -25.45 6.79
C THR A 18 15.26 -25.02 6.37
N GLU A 19 15.95 -24.31 7.25
CA GLU A 19 17.29 -23.88 6.98
C GLU A 19 18.22 -25.03 6.59
N GLY A 20 19.01 -24.84 5.55
CA GLY A 20 19.97 -25.84 5.11
C GLY A 20 19.42 -27.05 4.35
N LYS A 21 18.10 -27.19 4.30
CA LYS A 21 17.49 -28.23 3.48
C LYS A 21 17.87 -28.00 2.02
N SER A 22 18.28 -29.08 1.35
CA SER A 22 18.59 -29.07 -0.07
C SER A 22 17.29 -29.19 -0.87
N VAL A 23 17.09 -28.29 -1.84
CA VAL A 23 15.83 -28.22 -2.58
C VAL A 23 15.93 -28.76 -4.01
N PHE A 24 17.11 -28.67 -4.60
CA PHE A 24 17.43 -29.29 -5.88
C PHE A 24 18.91 -29.17 -6.16
N GLN A 25 19.37 -29.86 -7.20
CA GLN A 25 20.78 -29.82 -7.57
C GLN A 25 20.95 -29.44 -9.02
N LEU A 26 21.94 -28.61 -9.30
CA LEU A 26 22.25 -28.26 -10.68
C LEU A 26 23.02 -29.40 -11.33
N GLU A 27 22.70 -29.68 -12.59
CA GLU A 27 23.38 -30.69 -13.38
C GLU A 27 24.89 -30.49 -13.45
N LYS A 28 25.62 -31.60 -13.43
CA LYS A 28 27.05 -31.59 -13.75
C LYS A 28 27.29 -31.91 -15.24
N GLU A 29 28.26 -31.22 -15.84
CA GLU A 29 28.65 -31.53 -17.21
C GLU A 29 29.83 -32.51 -17.17
N THR A 30 30.79 -32.24 -16.31
CA THR A 30 31.82 -33.21 -15.93
C THR A 30 31.74 -33.36 -14.41
N ASP A 31 32.39 -34.37 -13.86
CA ASP A 31 32.27 -34.64 -12.44
C ASP A 31 33.23 -33.79 -11.60
N LYS A 32 34.30 -33.32 -12.23
CA LYS A 32 35.29 -32.46 -11.58
C LYS A 32 34.69 -31.12 -11.17
N GLU A 33 33.65 -30.71 -11.89
CA GLU A 33 33.02 -29.39 -11.78
C GLU A 33 32.70 -28.93 -10.37
N THR A 34 33.18 -27.75 -10.00
CA THR A 34 32.73 -27.12 -8.76
C THR A 34 31.89 -25.87 -9.00
N PHE A 35 30.89 -25.68 -8.13
CA PHE A 35 29.95 -24.58 -8.26
C PHE A 35 30.17 -23.52 -7.20
N LYS A 36 30.16 -22.27 -7.64
CA LYS A 36 30.25 -21.17 -6.72
C LYS A 36 29.20 -20.14 -7.13
N ILE A 37 28.42 -19.66 -6.16
CA ILE A 37 27.44 -18.62 -6.43
C ILE A 37 28.20 -17.33 -6.75
N ARG A 38 27.71 -16.58 -7.71
CA ARG A 38 28.38 -15.35 -8.10
C ARG A 38 28.23 -14.27 -7.04
N ASP A 39 27.05 -14.19 -6.41
CA ASP A 39 26.87 -13.23 -5.31
C ASP A 39 26.19 -13.87 -4.11
N ASP A 40 26.66 -13.53 -2.93
CA ASP A 40 26.00 -14.00 -1.71
C ASP A 40 24.48 -13.76 -1.83
N ASN A 41 23.70 -14.81 -1.60
CA ASN A 41 22.25 -14.70 -1.62
C ASN A 41 21.62 -14.92 -0.24
N PRO A 42 20.61 -14.11 0.12
CA PRO A 42 20.03 -14.25 1.46
C PRO A 42 19.26 -15.56 1.60
N TRP A 43 18.78 -16.11 0.50
CA TRP A 43 17.80 -17.20 0.55
C TRP A 43 18.35 -18.58 0.29
N VAL A 44 19.45 -18.64 -0.46
CA VAL A 44 19.98 -19.92 -0.87
C VAL A 44 21.52 -19.95 -0.69
N THR A 45 22.05 -21.14 -0.40
CA THR A 45 23.48 -21.39 -0.60
C THR A 45 23.67 -22.36 -1.75
N VAL A 46 24.79 -22.25 -2.45
CA VAL A 46 25.18 -23.25 -3.44
C VAL A 46 26.39 -24.05 -2.93
N GLU A 47 26.23 -25.36 -2.85
CA GLU A 47 27.33 -26.25 -2.48
C GLU A 47 28.29 -26.44 -3.67
N THR A 48 29.47 -27.01 -3.42
CA THR A 48 30.45 -27.16 -4.49
C THR A 48 30.04 -28.19 -5.56
N ASN A 49 29.20 -29.13 -5.17
CA ASN A 49 28.73 -30.14 -6.11
C ASN A 49 27.48 -29.72 -6.91
N GLY A 50 27.00 -28.49 -6.71
CA GLY A 50 25.84 -27.99 -7.41
C GLY A 50 24.51 -28.03 -6.65
N ALA A 51 24.53 -28.52 -5.41
CA ALA A 51 23.32 -28.53 -4.60
C ALA A 51 22.89 -27.13 -4.11
N VAL A 52 21.58 -26.92 -4.09
CA VAL A 52 21.03 -25.63 -3.71
C VAL A 52 20.24 -25.83 -2.43
N ARG A 53 20.53 -25.00 -1.44
CA ARG A 53 19.98 -25.18 -0.12
C ARG A 53 19.30 -23.90 0.37
N VAL A 54 18.28 -24.06 1.21
CA VAL A 54 17.67 -22.92 1.87
C VAL A 54 18.69 -22.33 2.81
N LYS A 55 18.86 -21.01 2.78
CA LYS A 55 19.68 -20.33 3.76
C LYS A 55 18.74 -19.69 4.82
N LYS A 56 18.25 -18.49 4.54
CA LYS A 56 17.17 -17.93 5.34
C LYS A 56 15.92 -18.64 4.88
N LYS A 57 15.03 -18.98 5.83
CA LYS A 57 13.75 -19.59 5.46
C LYS A 57 13.06 -18.74 4.41
N TRP A 58 12.51 -19.41 3.40
CA TRP A 58 11.88 -18.72 2.32
C TRP A 58 10.67 -17.95 2.82
N ASP A 59 10.44 -16.77 2.23
CA ASP A 59 9.37 -15.90 2.67
C ASP A 59 8.88 -15.06 1.49
N TYR A 60 7.73 -15.48 0.95
CA TYR A 60 7.08 -14.85 -0.17
C TYR A 60 6.80 -13.36 0.11
N GLU A 61 6.45 -13.04 1.35
CA GLU A 61 6.25 -11.66 1.75
C GLU A 61 7.51 -10.78 1.65
N GLU A 62 8.69 -11.32 1.86
CA GLU A 62 9.87 -10.49 1.71
C GLU A 62 10.47 -10.41 0.30
N LEU A 63 10.03 -11.26 -0.64
CA LEU A 63 10.56 -11.18 -2.00
C LEU A 63 10.06 -9.94 -2.73
N GLY A 64 10.82 -9.49 -3.72
CA GLY A 64 10.43 -8.36 -4.54
C GLY A 64 9.30 -8.67 -5.51
N PRO A 65 9.01 -7.75 -6.44
CA PRO A 65 7.81 -7.84 -7.27
C PRO A 65 7.70 -9.13 -8.08
N GLU A 66 8.82 -9.62 -8.61
CA GLU A 66 8.80 -10.83 -9.43
C GLU A 66 8.53 -12.13 -8.64
N LYS A 67 8.76 -12.09 -7.33
CA LYS A 67 8.60 -13.24 -6.43
C LYS A 67 9.46 -14.42 -6.86
N THR A 68 10.72 -14.13 -7.16
CA THR A 68 11.67 -15.16 -7.52
C THR A 68 12.94 -15.03 -6.71
N ILE A 69 13.61 -16.16 -6.50
CA ILE A 69 15.01 -16.13 -6.14
C ILE A 69 15.80 -16.34 -7.43
N ASP A 70 16.50 -15.28 -7.85
CA ASP A 70 17.12 -15.17 -9.16
C ASP A 70 18.62 -14.96 -8.97
N PHE A 71 19.44 -15.92 -9.34
CA PHE A 71 20.87 -15.77 -9.09
C PHE A 71 21.70 -16.46 -10.16
N TRP A 72 22.96 -16.06 -10.23
CA TRP A 72 23.92 -16.68 -11.13
C TRP A 72 24.87 -17.62 -10.39
N VAL A 73 25.37 -18.60 -11.10
CA VAL A 73 26.34 -19.51 -10.52
C VAL A 73 27.52 -19.66 -11.46
N ILE A 74 28.71 -19.67 -10.90
CA ILE A 74 29.93 -19.84 -11.67
C ILE A 74 30.41 -21.28 -11.55
N ILE A 75 30.63 -21.94 -12.68
CA ILE A 75 30.94 -23.36 -12.68
C ILE A 75 32.34 -23.62 -13.21
N THR A 76 33.27 -23.92 -12.31
CA THR A 76 34.68 -24.02 -12.70
C THR A 76 35.16 -25.45 -12.89
N ASN A 77 36.13 -25.59 -13.79
CA ASN A 77 36.77 -26.89 -14.01
C ASN A 77 38.30 -26.82 -13.97
N ILE A 84 40.16 -30.05 -20.73
CA ILE A 84 39.65 -28.69 -20.85
C ILE A 84 39.78 -27.88 -19.55
N LYS A 85 39.85 -26.56 -19.68
CA LYS A 85 39.76 -25.67 -18.53
C LYS A 85 38.77 -24.55 -18.86
N TYR A 86 37.56 -24.66 -18.31
CA TYR A 86 36.51 -23.69 -18.59
C TYR A 86 35.90 -23.10 -17.32
N THR A 87 35.34 -21.91 -17.46
CA THR A 87 34.52 -21.30 -16.43
C THR A 87 33.19 -20.91 -17.04
N ASP A 88 32.21 -21.80 -16.93
CA ASP A 88 30.85 -21.54 -17.40
C ASP A 88 30.05 -20.72 -16.38
N ASN A 89 29.04 -20.00 -16.87
CA ASN A 89 28.09 -19.29 -16.02
C ASN A 89 26.71 -19.91 -16.23
N GLN A 90 25.91 -19.93 -15.17
CA GLN A 90 24.54 -20.43 -15.29
C GLN A 90 23.62 -19.67 -14.38
N ARG A 91 22.43 -19.33 -14.86
CA ARG A 91 21.48 -18.57 -14.07
C ARG A 91 20.43 -19.51 -13.55
N VAL A 92 19.91 -19.18 -12.35
CA VAL A 92 18.90 -20.01 -11.71
C VAL A 92 17.77 -19.13 -11.20
N ILE A 93 16.55 -19.51 -11.55
CA ILE A 93 15.38 -18.74 -11.17
C ILE A 93 14.41 -19.68 -10.48
N ILE A 94 14.18 -19.41 -9.18
CA ILE A 94 13.25 -20.20 -8.37
C ILE A 94 11.98 -19.40 -8.19
N LEU A 95 10.86 -19.84 -8.76
CA LEU A 95 9.63 -19.09 -8.60
C LEU A 95 9.06 -19.55 -7.31
N VAL A 96 8.70 -18.58 -6.48
CA VAL A 96 8.22 -18.87 -5.15
C VAL A 96 6.74 -18.53 -4.98
N LYS A 97 6.01 -19.49 -4.42
CA LYS A 97 4.57 -19.44 -4.36
C LYS A 97 4.09 -19.14 -2.95
N ASP A 98 3.08 -18.30 -2.84
CA ASP A 98 2.58 -17.87 -1.55
C ASP A 98 1.80 -18.97 -0.85
N VAL A 99 2.03 -19.11 0.45
CA VAL A 99 1.27 -19.98 1.31
C VAL A 99 0.70 -19.10 2.42
N ASN A 100 -0.42 -19.47 3.00
CA ASN A 100 -0.99 -18.62 4.04
C ASN A 100 -0.29 -18.89 5.36
N ASP A 101 0.64 -18.01 5.72
CA ASP A 101 1.57 -18.32 6.79
C ASP A 101 1.97 -17.09 7.61
N GLU A 102 1.27 -15.98 7.41
CA GLU A 102 1.55 -14.77 8.20
C GLU A 102 0.32 -14.35 8.99
N PRO A 103 0.50 -13.99 10.26
CA PRO A 103 -0.66 -13.61 11.07
C PRO A 103 -1.24 -12.25 10.66
N PRO A 104 -2.55 -12.03 10.90
CA PRO A 104 -3.15 -10.71 10.69
C PRO A 104 -2.76 -9.70 11.77
N TYR A 105 -2.96 -8.42 11.46
CA TYR A 105 -2.59 -7.36 12.36
C TYR A 105 -3.63 -6.23 12.25
N PHE A 106 -3.80 -5.47 13.33
CA PHE A 106 -4.77 -4.37 13.33
C PHE A 106 -4.18 -3.14 12.68
N ILE A 107 -4.99 -2.44 11.88
CA ILE A 107 -4.54 -1.24 11.21
C ILE A 107 -5.19 0.01 11.82
N ASN A 108 -6.09 -0.21 12.79
CA ASN A 108 -6.68 0.88 13.57
C ASN A 108 -5.67 1.88 14.13
N ARG A 109 -5.94 3.16 13.94
CA ARG A 109 -5.14 4.19 14.60
C ARG A 109 -6.06 5.28 15.10
N PRO A 110 -5.74 5.88 16.26
CA PRO A 110 -4.57 5.53 17.08
C PRO A 110 -4.77 4.23 17.84
N LEU A 111 -3.70 3.77 18.47
CA LEU A 111 -3.71 2.67 19.42
C LEU A 111 -3.21 3.21 20.76
N PRO A 112 -3.75 2.72 21.88
CA PRO A 112 -4.80 1.70 21.98
C PRO A 112 -6.15 2.20 21.43
N MET A 113 -6.99 1.24 21.06
CA MET A 113 -8.30 1.58 20.54
C MET A 113 -9.18 2.27 21.57
N GLN A 114 -9.70 3.44 21.21
CA GLN A 114 -10.56 4.23 22.11
C GLN A 114 -11.85 4.75 21.46
N ALA A 115 -12.88 4.91 22.27
CA ALA A 115 -14.14 5.40 21.77
C ALA A 115 -15.02 5.93 22.89
N VAL A 116 -16.01 6.75 22.52
CA VAL A 116 -17.06 7.13 23.45
C VAL A 116 -18.35 6.47 23.05
N VAL A 117 -19.28 6.43 23.99
CA VAL A 117 -20.64 5.95 23.76
C VAL A 117 -21.60 6.94 24.43
N GLN A 118 -22.57 7.45 23.67
CA GLN A 118 -23.50 8.42 24.23
C GLN A 118 -24.32 7.77 25.31
N LEU A 119 -24.72 8.57 26.29
CA LEU A 119 -25.29 8.03 27.51
C LEU A 119 -26.56 7.21 27.27
N ASN A 120 -27.27 7.54 26.20
CA ASN A 120 -28.57 6.94 25.92
C ASN A 120 -28.60 6.34 24.53
N ALA A 121 -27.49 5.74 24.12
CA ALA A 121 -27.38 5.15 22.80
C ALA A 121 -28.42 4.06 22.59
N PRO A 122 -29.29 4.22 21.58
CA PRO A 122 -30.24 3.14 21.30
C PRO A 122 -29.50 1.88 20.89
N PRO A 123 -30.12 0.71 21.10
CA PRO A 123 -29.51 -0.55 20.71
C PRO A 123 -28.96 -0.53 19.28
N ASN A 124 -27.85 -1.23 19.06
CA ASN A 124 -27.20 -1.32 17.75
C ASN A 124 -26.55 -0.04 17.27
N THR A 125 -26.32 0.90 18.16
CA THR A 125 -25.56 2.08 17.78
C THR A 125 -24.12 1.67 17.48
N PRO A 126 -23.63 2.04 16.29
CA PRO A 126 -22.25 1.75 15.88
C PRO A 126 -21.26 2.67 16.60
N VAL A 127 -20.29 2.08 17.26
CA VAL A 127 -19.43 2.85 18.15
C VAL A 127 -17.97 2.84 17.71
N PHE A 128 -17.55 1.73 17.08
CA PHE A 128 -16.17 1.55 16.63
C PHE A 128 -16.13 0.58 15.45
N THR A 129 -15.03 0.60 14.70
CA THR A 129 -14.83 -0.35 13.61
C THR A 129 -13.45 -0.99 13.72
N LEU A 130 -13.42 -2.28 14.04
CA LEU A 130 -12.14 -2.99 14.04
C LEU A 130 -11.69 -3.12 12.60
N GLN A 131 -10.41 -2.92 12.34
CA GLN A 131 -9.90 -3.02 11.00
C GLN A 131 -8.59 -3.77 11.01
N ALA A 132 -8.58 -4.95 10.41
CA ALA A 132 -7.33 -5.71 10.41
C ALA A 132 -6.92 -6.01 8.98
N ARG A 133 -5.62 -6.12 8.74
CA ARG A 133 -5.15 -6.69 7.48
C ARG A 133 -4.38 -7.98 7.72
N ASP A 134 -4.03 -8.62 6.62
CA ASP A 134 -3.27 -9.84 6.67
C ASP A 134 -2.39 -9.91 5.41
N PRO A 135 -1.12 -10.30 5.57
CA PRO A 135 -0.11 -10.21 4.51
C PRO A 135 -0.29 -11.21 3.38
N ASP A 136 -0.98 -12.31 3.60
CA ASP A 136 -1.09 -13.31 2.55
C ASP A 136 -2.04 -12.89 1.44
N THR A 137 -1.90 -13.50 0.26
CA THR A 137 -2.79 -13.20 -0.86
C THR A 137 -4.15 -13.85 -0.63
N ASP A 138 -4.21 -14.75 0.34
CA ASP A 138 -5.29 -15.71 0.49
C ASP A 138 -6.02 -15.59 1.85
N HIS A 139 -6.13 -14.38 2.38
CA HIS A 139 -6.69 -14.19 3.72
C HIS A 139 -8.21 -14.26 3.80
N ASN A 140 -8.70 -14.46 5.02
CA ASN A 140 -10.13 -14.57 5.29
C ASN A 140 -10.38 -14.14 6.74
N ILE A 141 -10.52 -12.84 6.96
CA ILE A 141 -10.47 -12.26 8.31
C ILE A 141 -11.81 -12.24 9.05
N HIS A 142 -11.76 -12.72 10.29
CA HIS A 142 -12.91 -12.70 11.20
C HIS A 142 -12.60 -11.95 12.49
N TYR A 143 -13.56 -11.13 12.91
CA TYR A 143 -13.41 -10.28 14.09
C TYR A 143 -14.16 -10.85 15.31
N PHE A 144 -13.55 -10.76 16.49
CA PHE A 144 -14.13 -11.33 17.70
C PHE A 144 -13.84 -10.51 18.96
N ILE A 145 -14.85 -10.46 19.84
CA ILE A 145 -14.61 -10.12 21.24
C ILE A 145 -14.19 -11.38 21.97
N VAL A 146 -13.10 -11.33 22.72
CA VAL A 146 -12.66 -12.50 23.49
C VAL A 146 -12.85 -12.35 25.01
N ARG A 147 -12.69 -11.13 25.51
CA ARG A 147 -13.05 -10.80 26.88
C ARG A 147 -14.04 -9.65 26.84
N ASP A 148 -15.23 -9.85 27.41
CA ASP A 148 -16.23 -8.80 27.53
C ASP A 148 -16.36 -8.35 28.98
N ARG A 149 -15.74 -7.24 29.34
CA ARG A 149 -15.85 -6.78 30.72
C ARG A 149 -16.97 -5.74 30.94
N THR A 150 -18.03 -5.81 30.13
CA THR A 150 -19.07 -4.77 30.09
C THR A 150 -20.46 -5.30 30.38
N GLY A 151 -20.62 -6.61 30.43
CA GLY A 151 -21.89 -7.19 30.82
C GLY A 151 -22.82 -7.18 29.64
N GLY A 152 -22.30 -7.59 28.49
CA GLY A 152 -23.08 -7.70 27.27
C GLY A 152 -23.56 -6.40 26.64
N ARG A 153 -22.87 -5.29 26.90
CA ARG A 153 -23.30 -4.03 26.33
C ARG A 153 -22.84 -3.83 24.87
N PHE A 154 -21.89 -4.64 24.43
CA PHE A 154 -21.36 -4.49 23.09
C PHE A 154 -21.22 -5.83 22.40
N GLU A 155 -21.23 -5.80 21.08
CA GLU A 155 -20.95 -6.96 20.25
C GLU A 155 -20.18 -6.46 19.03
N VAL A 156 -19.46 -7.35 18.35
CA VAL A 156 -18.73 -6.98 17.14
C VAL A 156 -19.17 -7.86 16.00
N ASP A 157 -19.38 -7.25 14.84
CA ASP A 157 -19.75 -8.00 13.65
C ASP A 157 -18.56 -8.83 13.13
N GLU A 158 -18.80 -10.11 12.91
CA GLU A 158 -17.71 -11.04 12.68
C GLU A 158 -16.96 -10.74 11.39
N ARG A 159 -17.61 -9.97 10.54
CA ARG A 159 -17.13 -9.77 9.19
C ARG A 159 -16.84 -8.30 8.90
N SER A 160 -17.68 -7.40 9.43
CA SER A 160 -17.45 -5.98 9.16
C SER A 160 -16.52 -5.33 10.16
N GLY A 161 -16.43 -5.90 11.36
CA GLY A 161 -15.58 -5.34 12.39
C GLY A 161 -16.26 -4.24 13.18
N VAL A 162 -17.53 -3.97 12.84
CA VAL A 162 -18.29 -2.90 13.46
C VAL A 162 -18.70 -3.28 14.89
N VAL A 163 -18.51 -2.34 15.81
CA VAL A 163 -18.86 -2.57 17.21
C VAL A 163 -20.12 -1.81 17.61
N ARG A 164 -21.19 -2.54 17.93
CA ARG A 164 -22.51 -1.98 18.27
C ARG A 164 -22.85 -2.12 19.74
N THR A 165 -23.70 -1.21 20.21
CA THR A 165 -24.29 -1.31 21.54
C THR A 165 -25.43 -2.33 21.57
N ARG A 166 -25.56 -3.04 22.68
CA ARG A 166 -26.72 -3.90 22.90
C ARG A 166 -27.50 -3.39 24.11
N GLY A 167 -28.81 -3.67 24.13
CA GLY A 167 -29.65 -3.30 25.25
C GLY A 167 -30.09 -1.85 25.29
N THR A 168 -31.14 -1.58 26.05
CA THR A 168 -31.73 -0.25 26.15
C THR A 168 -31.23 0.52 27.37
N ASP A 169 -30.45 -0.14 28.23
CA ASP A 169 -29.94 0.51 29.44
C ASP A 169 -29.07 1.72 29.14
N LEU A 170 -29.13 2.71 30.00
CA LEU A 170 -28.27 3.88 29.87
C LEU A 170 -26.80 3.50 30.01
N PHE A 171 -25.93 4.36 29.51
CA PHE A 171 -24.51 4.22 29.75
C PHE A 171 -24.13 5.31 30.71
N GLN A 172 -23.07 5.09 31.47
CA GLN A 172 -22.74 6.01 32.56
C GLN A 172 -21.60 6.93 32.17
N LEU A 173 -21.82 8.22 32.38
CA LEU A 173 -20.82 9.24 32.07
C LEU A 173 -19.48 8.90 32.72
N ASP A 174 -18.42 9.03 31.94
CA ASP A 174 -17.04 8.80 32.38
C ASP A 174 -16.76 7.37 32.88
N MET A 175 -17.68 6.44 32.63
CA MET A 175 -17.40 5.04 32.91
C MET A 175 -16.68 4.35 31.73
N GLU A 176 -15.75 3.45 32.07
CA GLU A 176 -15.00 2.75 31.05
C GLU A 176 -15.57 1.36 30.80
N TYR A 177 -15.99 1.13 29.57
CA TYR A 177 -16.42 -0.20 29.17
C TYR A 177 -15.29 -0.80 28.37
N VAL A 178 -14.76 -1.91 28.88
CA VAL A 178 -13.60 -2.55 28.27
C VAL A 178 -13.90 -3.87 27.55
N LEU A 179 -13.53 -3.95 26.27
CA LEU A 179 -13.56 -5.20 25.53
C LEU A 179 -12.16 -5.61 25.09
N TYR A 180 -11.93 -6.90 25.01
CA TYR A 180 -10.69 -7.39 24.42
C TYR A 180 -11.02 -8.07 23.12
N VAL A 181 -10.38 -7.62 22.05
CA VAL A 181 -10.74 -8.08 20.72
C VAL A 181 -9.56 -8.72 20.00
N LYS A 182 -9.87 -9.47 18.95
CA LYS A 182 -8.83 -10.00 18.11
C LYS A 182 -9.38 -10.26 16.71
N ALA A 183 -8.49 -10.41 15.73
CA ALA A 183 -8.91 -10.88 14.43
C ALA A 183 -8.22 -12.19 14.11
N GLU A 184 -8.89 -13.05 13.36
CA GLU A 184 -8.31 -14.28 12.89
C GLU A 184 -8.28 -14.31 11.38
N ASP A 185 -7.26 -14.93 10.81
CA ASP A 185 -7.31 -15.30 9.41
C ASP A 185 -7.73 -16.76 9.39
N GLN A 186 -8.98 -16.99 9.02
CA GLN A 186 -9.53 -18.35 9.05
C GLN A 186 -9.14 -19.15 7.81
N ASN A 187 -8.20 -18.62 7.04
CA ASN A 187 -7.55 -19.40 5.99
C ASN A 187 -6.16 -19.91 6.36
N GLY A 188 -5.74 -19.66 7.60
CA GLY A 188 -4.41 -20.04 8.04
C GLY A 188 -4.39 -20.74 9.39
N LYS A 189 -4.23 -22.06 9.38
CA LYS A 189 -4.27 -22.82 10.64
C LYS A 189 -2.93 -22.78 11.39
N VAL A 190 -2.99 -23.01 12.69
CA VAL A 190 -1.78 -23.27 13.46
C VAL A 190 -1.84 -24.73 13.92
N ASP A 191 -3.06 -25.19 14.18
CA ASP A 191 -3.34 -26.60 14.45
C ASP A 191 -4.68 -26.95 13.83
N ASP A 192 -5.23 -28.09 14.24
CA ASP A 192 -6.54 -28.52 13.77
C ASP A 192 -7.62 -27.72 14.49
N ARG A 193 -7.22 -27.04 15.55
CA ARG A 193 -8.12 -26.19 16.31
C ARG A 193 -8.03 -24.76 15.81
N ARG A 194 -6.86 -24.15 16.00
CA ARG A 194 -6.70 -22.69 16.01
C ARG A 194 -6.18 -22.05 14.73
N PHE A 195 -6.49 -20.76 14.57
CA PHE A 195 -6.05 -19.98 13.41
C PHE A 195 -5.06 -18.90 13.77
N GLN A 196 -4.34 -18.41 12.77
CA GLN A 196 -3.51 -17.22 12.94
C GLN A 196 -4.32 -16.03 13.49
N SER A 197 -3.70 -15.28 14.40
CA SER A 197 -4.36 -14.25 15.18
C SER A 197 -3.52 -13.01 15.33
N THR A 198 -4.17 -11.87 15.28
CA THR A 198 -3.61 -10.66 15.85
C THR A 198 -3.35 -10.91 17.34
N PRO A 199 -2.60 -10.01 17.98
CA PRO A 199 -2.58 -9.89 19.45
C PRO A 199 -3.98 -9.55 19.97
N GLU A 200 -4.20 -9.77 21.25
CA GLU A 200 -5.41 -9.29 21.94
C GLU A 200 -5.29 -7.80 22.20
N GLU A 201 -6.18 -7.03 21.61
CA GLU A 201 -6.22 -5.59 21.82
C GLU A 201 -7.27 -5.22 22.83
N ARG A 202 -6.96 -4.22 23.64
CA ARG A 202 -7.89 -3.66 24.62
C ARG A 202 -8.62 -2.47 23.98
N LEU A 203 -9.94 -2.58 23.86
CA LEU A 203 -10.76 -1.48 23.35
C LEU A 203 -11.45 -0.74 24.51
N SER A 204 -11.11 0.54 24.63
CA SER A 204 -11.60 1.38 25.70
C SER A 204 -12.79 2.24 25.21
N ILE A 205 -13.98 1.99 25.78
CA ILE A 205 -15.16 2.77 25.43
C ILE A 205 -15.67 3.56 26.63
N VAL A 206 -15.58 4.87 26.56
CA VAL A 206 -16.01 5.70 27.67
C VAL A 206 -17.37 6.33 27.41
N GLY A 207 -18.22 6.36 28.44
CA GLY A 207 -19.53 6.98 28.32
C GLY A 207 -19.46 8.49 28.20
N GLY A 208 -20.22 9.04 27.25
CA GLY A 208 -20.33 10.48 27.11
C GLY A 208 -19.19 11.10 26.35
N LYS A 209 -18.06 11.29 27.02
CA LYS A 209 -16.95 12.02 26.40
C LYS A 209 -15.64 11.64 27.06
N ARG A 210 -14.52 11.98 26.41
CA ARG A 210 -13.18 11.68 26.93
C ARG A 210 -12.16 12.58 26.27
N ALA A 211 -11.01 12.76 26.93
CA ALA A 211 -9.95 13.62 26.42
C ALA A 211 -9.39 13.13 25.07
N PRO A 212 -8.79 14.05 24.30
CA PRO A 212 -8.18 13.72 23.01
C PRO A 212 -7.09 12.65 23.14
N GLN A 213 -6.73 12.01 22.02
CA GLN A 213 -5.69 10.97 22.01
C GLN A 213 -4.69 11.17 20.87
N PHE A 214 -3.40 10.99 21.16
CA PHE A 214 -2.37 11.17 20.14
C PHE A 214 -2.30 9.96 19.23
N TYR A 215 -1.81 10.16 18.01
CA TYR A 215 -1.72 9.05 17.08
C TYR A 215 -0.55 8.10 17.38
N MET A 216 0.39 8.58 18.18
CA MET A 216 1.42 7.70 18.72
C MET A 216 1.52 7.91 20.22
N PRO A 217 1.73 6.83 20.98
CA PRO A 217 1.72 6.87 22.45
C PRO A 217 2.90 7.67 23.01
N SER A 218 3.93 7.82 22.19
CA SER A 218 5.04 8.73 22.47
C SER A 218 5.79 9.00 21.18
N TYR A 219 6.60 10.04 21.17
CA TYR A 219 7.26 10.47 19.95
C TYR A 219 8.78 10.56 20.07
N GLU A 220 9.48 10.18 19.01
CA GLU A 220 10.93 10.17 19.01
C GLU A 220 11.49 10.72 17.70
N ALA A 221 12.49 11.57 17.81
CA ALA A 221 13.14 12.14 16.65
C ALA A 221 14.66 12.20 16.87
N GLU A 222 15.43 11.84 15.84
CA GLU A 222 16.87 11.96 15.88
C GLU A 222 17.34 12.91 14.79
N ILE A 223 18.04 13.97 15.18
CA ILE A 223 18.56 14.93 14.22
C ILE A 223 20.07 15.12 14.41
N PRO A 224 20.79 15.45 13.32
CA PRO A 224 22.23 15.72 13.40
C PRO A 224 22.47 17.11 13.99
N GLU A 225 23.65 17.34 14.54
CA GLU A 225 23.90 18.61 15.21
C GLU A 225 23.89 19.82 14.27
N ASN A 226 23.96 19.58 12.97
CA ASN A 226 24.00 20.66 11.98
C ASN A 226 22.62 20.99 11.40
N GLN A 227 21.58 20.46 12.04
CA GLN A 227 20.20 20.71 11.63
C GLN A 227 19.95 22.20 11.46
N LYS A 228 19.24 22.57 10.40
CA LYS A 228 18.99 23.97 10.11
C LYS A 228 18.04 24.58 11.13
N LYS A 229 18.24 25.85 11.44
CA LYS A 229 17.34 26.55 12.33
C LYS A 229 16.01 26.71 11.62
N ASP A 230 14.93 26.62 12.37
CA ASP A 230 13.59 26.86 11.87
C ASP A 230 13.06 25.75 10.94
N SER A 231 13.91 24.75 10.69
CA SER A 231 13.52 23.63 9.84
C SER A 231 12.52 22.73 10.56
N ASP A 232 11.79 21.93 9.78
CA ASP A 232 10.78 21.04 10.33
C ASP A 232 11.38 19.74 10.86
N ILE A 233 11.03 19.38 12.09
CA ILE A 233 11.63 18.26 12.79
C ILE A 233 10.75 17.03 12.81
N ILE A 234 9.46 17.24 13.08
CA ILE A 234 8.53 16.14 13.26
C ILE A 234 7.12 16.67 13.38
N SER A 235 6.15 15.85 12.98
CA SER A 235 4.75 16.26 13.00
C SER A 235 3.94 15.43 13.98
N ILE A 236 3.23 16.13 14.86
CA ILE A 236 2.51 15.48 15.94
C ILE A 236 1.02 15.78 15.84
N LYS A 237 0.22 14.73 15.95
CA LYS A 237 -1.22 14.85 15.75
C LYS A 237 -2.03 14.14 16.82
N ALA A 238 -3.03 14.83 17.34
CA ALA A 238 -3.97 14.21 18.27
C ALA A 238 -5.37 14.21 17.65
N LYS A 239 -6.19 13.25 18.08
CA LYS A 239 -7.56 13.19 17.60
C LYS A 239 -8.52 13.61 18.71
N SER A 240 -9.57 14.34 18.34
CA SER A 240 -10.63 14.66 19.29
C SER A 240 -11.84 13.76 19.06
N PHE A 241 -12.36 13.19 20.13
CA PHE A 241 -13.47 12.26 20.03
C PHE A 241 -14.83 12.94 19.76
N ALA A 242 -14.88 14.26 19.89
CA ALA A 242 -16.08 15.01 19.54
C ALA A 242 -15.72 16.03 18.46
N ASP A 243 -14.66 15.74 17.74
CA ASP A 243 -14.20 16.58 16.65
C ASP A 243 -14.17 18.05 17.06
N ARG A 244 -13.68 18.32 18.26
CA ARG A 244 -13.45 19.69 18.70
C ARG A 244 -12.12 20.13 18.15
N GLU A 245 -11.88 21.44 18.17
CA GLU A 245 -10.64 21.99 17.65
C GLU A 245 -9.51 21.70 18.64
N ILE A 246 -8.37 21.25 18.13
CA ILE A 246 -7.23 20.91 18.97
C ILE A 246 -6.16 21.99 18.86
N ARG A 247 -5.65 22.45 20.00
CA ARG A 247 -4.53 23.37 20.00
C ARG A 247 -3.29 22.71 20.59
N TYR A 248 -2.18 22.74 19.85
CA TYR A 248 -0.96 22.06 20.29
C TYR A 248 -0.03 22.96 21.08
N THR A 249 0.63 22.37 22.09
CA THR A 249 1.48 23.14 22.98
C THR A 249 2.67 22.31 23.47
N LEU A 250 3.82 22.96 23.68
CA LEU A 250 5.07 22.28 23.98
C LEU A 250 5.83 22.87 25.18
N LYS A 251 6.63 22.04 25.85
CA LYS A 251 7.43 22.51 26.96
C LYS A 251 8.52 21.50 27.29
N ALA A 252 9.61 21.97 27.91
CA ALA A 252 10.75 21.10 28.20
C ALA A 252 10.69 20.56 29.62
N GLN A 253 11.16 19.33 29.80
CA GLN A 253 11.16 18.73 31.13
C GLN A 253 12.33 19.26 31.94
N GLY A 254 13.52 19.20 31.37
CA GLY A 254 14.70 19.73 32.04
C GLY A 254 15.41 20.80 31.24
N GLN A 255 16.57 20.43 30.69
CA GLN A 255 17.34 21.31 29.82
C GLN A 255 16.63 21.60 28.50
N GLY A 256 16.85 22.80 27.99
CA GLY A 256 16.36 23.15 26.68
C GLY A 256 14.94 23.66 26.59
N ALA A 257 14.61 24.69 27.37
CA ALA A 257 13.40 25.46 27.09
C ALA A 257 13.75 26.40 25.96
N GLY A 258 12.80 26.63 25.07
CA GLY A 258 13.03 27.53 23.95
C GLY A 258 13.82 26.93 22.79
N THR A 259 14.53 25.84 23.03
CA THR A 259 15.26 25.19 21.93
C THR A 259 14.31 24.82 20.80
N PHE A 260 13.09 24.38 21.15
CA PHE A 260 12.06 23.97 20.19
C PHE A 260 10.73 24.66 20.40
N ASN A 261 9.89 24.63 19.38
CA ASN A 261 8.51 25.08 19.49
C ASN A 261 7.60 24.27 18.55
N ILE A 262 6.28 24.43 18.73
CA ILE A 262 5.32 23.70 17.92
C ILE A 262 4.27 24.67 17.39
N GLY A 263 3.87 24.47 16.14
CA GLY A 263 2.74 25.20 15.59
C GLY A 263 1.49 24.74 16.30
N PRO A 264 0.77 25.66 16.96
CA PRO A 264 -0.40 25.36 17.80
C PRO A 264 -1.57 24.78 17.01
N THR A 265 -1.48 24.82 15.69
CA THR A 265 -2.53 24.28 14.85
C THR A 265 -2.01 23.18 13.94
N SER A 266 -0.78 23.35 13.48
CA SER A 266 -0.21 22.37 12.57
C SER A 266 0.25 21.15 13.35
N GLY A 267 0.70 21.36 14.58
CA GLY A 267 1.30 20.31 15.40
C GLY A 267 2.69 19.95 14.89
N ILE A 268 3.31 20.89 14.19
CA ILE A 268 4.64 20.68 13.64
C ILE A 268 5.71 21.25 14.56
N VAL A 269 6.74 20.46 14.82
CA VAL A 269 7.83 20.92 15.67
C VAL A 269 9.01 21.41 14.86
N LYS A 270 9.46 22.63 15.16
CA LYS A 270 10.64 23.19 14.51
C LYS A 270 11.76 23.53 15.50
N LEU A 271 12.99 23.53 14.99
CA LEU A 271 14.17 23.88 15.78
C LEU A 271 14.29 25.40 15.89
N ALA A 272 14.16 25.92 17.11
CA ALA A 272 14.12 27.38 17.31
C ALA A 272 15.46 28.02 17.71
N LYS A 273 16.56 27.28 17.53
CA LYS A 273 17.90 27.73 17.92
C LYS A 273 18.97 26.89 17.23
N GLU A 274 20.18 27.42 17.15
CA GLU A 274 21.29 26.68 16.55
C GLU A 274 21.77 25.60 17.50
N LEU A 275 22.22 24.47 16.94
CA LEU A 275 22.76 23.40 17.77
C LEU A 275 24.27 23.32 17.66
N ASP A 276 24.94 23.39 18.81
CA ASP A 276 26.40 23.22 18.83
C ASP A 276 26.81 22.26 19.93
N PHE A 277 27.42 21.15 19.52
CA PHE A 277 27.90 20.16 20.44
C PHE A 277 29.02 20.69 21.32
N GLU A 278 29.70 21.74 20.85
CA GLU A 278 30.74 22.36 21.65
C GLU A 278 30.13 23.06 22.85
N ASP A 279 28.91 23.56 22.70
CA ASP A 279 28.21 24.25 23.79
C ASP A 279 27.62 23.24 24.79
N LEU A 280 28.39 22.95 25.85
CA LEU A 280 28.04 21.92 26.82
C LEU A 280 26.71 22.16 27.54
N ARG A 281 26.21 23.38 27.49
CA ARG A 281 24.92 23.71 28.09
C ARG A 281 23.78 23.00 27.39
N GLN A 282 24.01 22.64 26.12
CA GLN A 282 23.00 21.97 25.32
C GLN A 282 23.06 20.45 25.48
N PRO A 283 21.93 19.83 25.89
CA PRO A 283 21.90 18.38 26.09
C PRO A 283 21.91 17.64 24.74
N HIS A 284 22.37 16.40 24.76
CA HIS A 284 22.34 15.56 23.56
C HIS A 284 20.98 14.86 23.42
N VAL A 285 20.18 14.93 24.48
CA VAL A 285 18.84 14.36 24.48
C VAL A 285 17.87 15.34 25.13
N TYR A 286 16.80 15.68 24.41
CA TYR A 286 15.80 16.60 24.94
C TYR A 286 14.56 15.85 25.36
N SER A 287 14.06 16.15 26.56
CA SER A 287 12.80 15.60 27.05
C SER A 287 11.74 16.69 26.99
N LEU A 288 10.82 16.57 26.04
CA LEU A 288 9.77 17.57 25.88
C LEU A 288 8.41 16.96 26.14
N ILE A 289 7.44 17.81 26.47
CA ILE A 289 6.06 17.36 26.60
C ILE A 289 5.12 18.16 25.72
N VAL A 290 4.52 17.50 24.74
CA VAL A 290 3.51 18.12 23.89
C VAL A 290 2.13 17.94 24.49
N THR A 291 1.31 18.97 24.38
CA THR A 291 -0.02 18.93 24.94
C THR A 291 -1.07 19.29 23.90
N ALA A 292 -2.11 18.48 23.80
CA ALA A 292 -3.24 18.75 22.90
C ALA A 292 -4.44 19.18 23.72
N THR A 293 -4.82 20.44 23.59
CA THR A 293 -5.95 20.96 24.35
C THR A 293 -7.14 21.17 23.43
N GLU A 294 -8.29 20.64 23.84
CA GLU A 294 -9.52 20.92 23.13
C GLU A 294 -9.95 22.33 23.49
N ASP A 295 -9.63 23.27 22.60
CA ASP A 295 -9.93 24.66 22.87
C ASP A 295 -11.33 25.03 22.42
N SER A 296 -12.21 24.02 22.49
CA SER A 296 -13.63 24.27 22.55
C SER A 296 -14.06 23.87 23.97
N GLY A 297 -13.27 24.34 24.94
CA GLY A 297 -13.58 24.23 26.35
C GLY A 297 -13.19 22.97 27.12
N GLY A 298 -12.00 22.96 27.71
CA GLY A 298 -11.68 21.96 28.73
C GLY A 298 -10.62 20.89 28.49
N PHE A 299 -11.02 19.80 27.83
CA PHE A 299 -10.22 18.57 27.75
C PHE A 299 -8.80 18.70 27.21
N SER A 300 -7.84 18.08 27.90
CA SER A 300 -6.43 18.18 27.53
C SER A 300 -5.65 16.87 27.67
N THR A 301 -4.70 16.62 26.78
CA THR A 301 -3.90 15.41 26.85
C THR A 301 -2.44 15.71 26.54
N SER A 302 -1.53 14.98 27.20
CA SER A 302 -0.09 15.18 26.98
C SER A 302 0.65 13.93 26.50
N VAL A 303 1.78 14.16 25.84
CA VAL A 303 2.62 13.05 25.40
C VAL A 303 4.11 13.42 25.45
N ASP A 304 4.97 12.40 25.55
CA ASP A 304 6.42 12.64 25.58
C ASP A 304 7.00 12.79 24.19
N LEU A 305 7.97 13.69 24.07
CA LEU A 305 8.70 13.88 22.83
C LEU A 305 10.18 13.88 23.18
N THR A 306 10.89 12.85 22.74
CA THR A 306 12.33 12.74 22.99
C THR A 306 13.11 13.03 21.71
N ILE A 307 13.96 14.05 21.76
CA ILE A 307 14.77 14.40 20.61
C ILE A 307 16.28 14.25 20.87
N ARG A 308 16.86 13.20 20.30
CA ARG A 308 18.29 12.93 20.41
C ARG A 308 19.07 13.60 19.27
N VAL A 309 20.25 14.13 19.58
CA VAL A 309 21.07 14.78 18.57
C VAL A 309 22.40 14.05 18.34
N THR A 310 22.80 13.97 17.08
CA THR A 310 24.03 13.26 16.72
C THR A 310 24.97 14.16 15.93
N ALA B 2 -24.49 25.85 20.44
CA ALA B 2 -24.89 24.62 21.15
C ALA B 2 -24.81 23.40 20.23
N VAL B 3 -24.52 22.23 20.83
CA VAL B 3 -24.30 21.01 20.06
C VAL B 3 -25.26 19.89 20.39
N ARG B 4 -25.82 19.25 19.36
CA ARG B 4 -26.75 18.14 19.53
C ARG B 4 -26.03 16.80 19.51
N PRO B 5 -26.70 15.76 20.01
CA PRO B 5 -26.15 14.39 20.05
C PRO B 5 -25.78 13.89 18.67
N THR B 6 -24.54 13.40 18.52
CA THR B 6 -24.04 12.88 17.26
C THR B 6 -24.91 11.74 16.74
N LYS B 7 -25.27 11.83 15.46
CA LYS B 7 -25.96 10.75 14.78
C LYS B 7 -24.91 9.81 14.17
N ARG B 8 -24.92 8.56 14.63
CA ARG B 8 -24.03 7.54 14.10
CA ARG B 8 -24.03 7.53 14.11
C ARG B 8 -24.86 6.47 13.38
N ILE B 9 -24.40 6.05 12.21
CA ILE B 9 -25.22 5.14 11.42
C ILE B 9 -24.40 4.35 10.41
N GLU B 10 -24.88 3.15 10.15
CA GLU B 10 -24.14 2.12 9.46
C GLU B 10 -24.78 1.83 8.11
N PHE B 11 -23.95 1.78 7.07
CA PHE B 11 -24.40 1.41 5.72
C PHE B 11 -23.27 0.71 4.98
N THR B 12 -23.63 -0.06 3.97
CA THR B 12 -22.61 -0.54 3.05
C THR B 12 -22.33 0.50 1.96
N GLU B 13 -21.20 0.33 1.32
CA GLU B 13 -20.87 1.07 0.13
C GLU B 13 -22.03 1.12 -0.88
N ALA B 14 -22.68 -0.02 -1.10
CA ALA B 14 -23.71 -0.13 -2.13
C ALA B 14 -25.02 0.57 -1.78
N ASP B 15 -25.31 0.70 -0.49
CA ASP B 15 -26.48 1.46 -0.06
C ASP B 15 -26.40 2.88 -0.61
N GLY B 16 -25.18 3.35 -0.81
CA GLY B 16 -24.96 4.68 -1.36
C GLY B 16 -24.48 4.59 -2.81
N ASP B 17 -25.01 3.61 -3.53
CA ASP B 17 -24.55 3.33 -4.90
C ASP B 17 -25.37 4.01 -5.98
N THR B 18 -26.10 5.09 -5.64
CA THR B 18 -27.01 5.75 -6.60
C THR B 18 -27.13 7.24 -6.30
N GLU B 19 -26.46 8.07 -7.09
CA GLU B 19 -26.47 9.50 -6.83
C GLU B 19 -27.88 10.02 -6.54
N GLY B 20 -28.02 10.86 -5.52
CA GLY B 20 -29.30 11.46 -5.20
C GLY B 20 -30.19 10.65 -4.27
N LYS B 21 -29.98 9.34 -4.20
CA LYS B 21 -30.74 8.51 -3.26
C LYS B 21 -30.64 9.08 -1.84
N SER B 22 -31.76 9.03 -1.12
CA SER B 22 -31.82 9.51 0.25
C SER B 22 -31.70 8.30 1.17
N VAL B 23 -30.62 8.25 1.93
CA VAL B 23 -30.30 7.04 2.68
C VAL B 23 -30.93 7.08 4.07
N PHE B 24 -31.07 8.29 4.61
CA PHE B 24 -31.68 8.47 5.93
C PHE B 24 -32.08 9.93 6.22
N GLN B 25 -32.78 10.13 7.33
CA GLN B 25 -33.29 11.46 7.67
C GLN B 25 -32.85 11.93 9.05
N LEU B 26 -32.49 13.21 9.15
CA LEU B 26 -32.11 13.83 10.42
C LEU B 26 -33.34 14.27 11.18
N GLU B 27 -33.37 14.05 12.50
CA GLU B 27 -34.52 14.43 13.34
C GLU B 27 -34.71 15.93 13.44
N LYS B 28 -35.94 16.39 13.40
CA LYS B 28 -36.24 17.80 13.62
C LYS B 28 -36.74 18.04 15.04
N GLU B 29 -36.26 19.10 15.69
CA GLU B 29 -36.74 19.44 17.02
C GLU B 29 -38.10 20.13 16.91
N THR B 30 -38.12 21.25 16.18
CA THR B 30 -39.36 21.96 15.87
C THR B 30 -39.66 21.95 14.35
N ASP B 31 -40.94 22.05 14.01
CA ASP B 31 -41.38 21.99 12.62
C ASP B 31 -40.73 23.09 11.77
N LYS B 32 -40.34 24.19 12.39
CA LYS B 32 -39.79 25.32 11.63
C LYS B 32 -38.28 25.17 11.43
N GLU B 33 -37.76 23.99 11.78
CA GLU B 33 -36.32 23.74 11.80
C GLU B 33 -35.71 23.42 10.43
N THR B 34 -34.63 24.13 10.10
CA THR B 34 -33.95 24.00 8.81
C THR B 34 -32.52 23.44 8.92
N PHE B 35 -32.13 22.61 7.97
CA PHE B 35 -30.79 22.03 7.97
C PHE B 35 -29.91 22.54 6.82
N LYS B 36 -28.64 22.83 7.12
CA LYS B 36 -27.65 23.00 6.06
C LYS B 36 -26.32 22.34 6.46
N ILE B 37 -25.72 21.60 5.54
CA ILE B 37 -24.39 21.05 5.77
C ILE B 37 -23.46 22.24 6.01
N ARG B 38 -22.49 22.12 6.89
CA ARG B 38 -21.66 23.27 7.25
C ARG B 38 -20.45 23.34 6.33
N ASP B 39 -20.12 22.20 5.73
CA ASP B 39 -19.05 22.16 4.75
C ASP B 39 -19.43 21.27 3.59
N ASP B 40 -19.12 21.76 2.40
CA ASP B 40 -19.31 20.96 1.20
C ASP B 40 -18.76 19.57 1.46
N ASN B 41 -19.50 18.55 1.03
CA ASN B 41 -19.06 17.17 1.17
C ASN B 41 -19.13 16.42 -0.16
N PRO B 42 -18.11 15.60 -0.43
CA PRO B 42 -18.05 14.86 -1.69
C PRO B 42 -19.10 13.75 -1.76
N TRP B 43 -19.48 13.21 -0.62
CA TRP B 43 -20.26 11.98 -0.65
C TRP B 43 -21.73 12.22 -0.39
N VAL B 44 -22.02 13.34 0.28
CA VAL B 44 -23.39 13.62 0.64
C VAL B 44 -23.86 15.07 0.42
N THR B 45 -25.15 15.20 0.16
CA THR B 45 -25.81 16.48 0.35
C THR B 45 -26.84 16.36 1.46
N VAL B 46 -27.12 17.49 2.11
CA VAL B 46 -28.19 17.61 3.09
C VAL B 46 -29.27 18.58 2.58
N GLU B 47 -30.50 18.07 2.40
CA GLU B 47 -31.66 18.90 2.04
C GLU B 47 -32.16 19.73 3.23
N THR B 48 -32.81 20.85 2.92
CA THR B 48 -33.26 21.78 3.97
C THR B 48 -34.16 21.12 5.03
N ASN B 49 -34.84 20.05 4.65
CA ASN B 49 -35.70 19.34 5.57
C ASN B 49 -35.03 18.16 6.29
N GLY B 50 -33.72 18.02 6.11
CA GLY B 50 -32.96 17.06 6.88
C GLY B 50 -32.72 15.69 6.27
N ALA B 51 -33.15 15.49 5.02
CA ALA B 51 -32.79 14.28 4.30
C ALA B 51 -31.33 14.33 3.84
N VAL B 52 -30.65 13.20 3.97
CA VAL B 52 -29.24 13.07 3.60
C VAL B 52 -29.14 12.25 2.33
N ARG B 53 -28.53 12.85 1.30
CA ARG B 53 -28.55 12.26 -0.04
C ARG B 53 -27.16 12.00 -0.60
N VAL B 54 -27.00 10.85 -1.25
CA VAL B 54 -25.76 10.54 -1.96
C VAL B 54 -25.44 11.67 -2.93
N LYS B 55 -24.24 12.24 -2.81
CA LYS B 55 -23.70 13.07 -3.88
C LYS B 55 -22.81 12.30 -4.88
N LYS B 56 -21.55 12.05 -4.51
CA LYS B 56 -20.72 11.21 -5.36
C LYS B 56 -21.00 9.78 -4.91
N LYS B 57 -21.10 8.87 -5.86
CA LYS B 57 -21.35 7.47 -5.55
C LYS B 57 -20.43 6.99 -4.41
N TRP B 58 -21.01 6.34 -3.42
CA TRP B 58 -20.27 5.91 -2.25
C TRP B 58 -19.22 4.86 -2.58
N ASP B 59 -18.03 5.00 -1.99
CA ASP B 59 -16.93 4.13 -2.37
C ASP B 59 -15.96 3.85 -1.22
N TYR B 60 -16.14 2.69 -0.61
CA TYR B 60 -15.27 2.22 0.46
C TYR B 60 -13.78 2.36 0.11
N GLU B 61 -13.42 2.03 -1.12
CA GLU B 61 -12.03 2.16 -1.56
C GLU B 61 -11.47 3.57 -1.42
N GLU B 62 -12.31 4.58 -1.58
CA GLU B 62 -11.80 5.95 -1.57
C GLU B 62 -11.94 6.67 -0.22
N LEU B 63 -12.61 6.06 0.74
CA LEU B 63 -12.64 6.63 2.10
C LEU B 63 -11.27 6.56 2.80
N GLY B 64 -10.99 7.54 3.64
CA GLY B 64 -9.78 7.51 4.44
C GLY B 64 -9.72 6.36 5.42
N PRO B 65 -8.72 6.37 6.31
CA PRO B 65 -8.48 5.22 7.19
C PRO B 65 -9.68 4.90 8.09
N GLU B 66 -10.44 5.90 8.52
CA GLU B 66 -11.58 5.60 9.38
C GLU B 66 -12.78 4.94 8.67
N LYS B 67 -12.83 5.03 7.33
CA LYS B 67 -13.96 4.51 6.56
C LYS B 67 -15.29 5.12 7.00
N THR B 68 -15.31 6.44 7.20
CA THR B 68 -16.53 7.14 7.58
C THR B 68 -16.76 8.36 6.71
N ILE B 69 -18.03 8.62 6.39
CA ILE B 69 -18.42 9.94 5.95
C ILE B 69 -18.79 10.68 7.24
N ASP B 70 -18.02 11.72 7.55
CA ASP B 70 -18.05 12.33 8.88
C ASP B 70 -18.20 13.84 8.70
N PHE B 71 -19.39 14.36 9.01
CA PHE B 71 -19.64 15.77 8.71
C PHE B 71 -20.49 16.48 9.74
N TRP B 72 -20.49 17.81 9.62
CA TRP B 72 -21.26 18.64 10.52
C TRP B 72 -22.47 19.25 9.82
N VAL B 73 -23.51 19.48 10.59
CA VAL B 73 -24.73 20.02 10.05
C VAL B 73 -25.13 21.22 10.91
N ILE B 74 -25.63 22.26 10.26
CA ILE B 74 -26.13 23.42 10.97
C ILE B 74 -27.64 23.41 10.95
N ILE B 75 -28.24 23.67 12.09
CA ILE B 75 -29.68 23.56 12.21
C ILE B 75 -30.23 24.89 12.68
N THR B 76 -31.01 25.52 11.81
CA THR B 76 -31.42 26.90 12.01
C THR B 76 -32.92 27.04 12.19
N ASN B 77 -33.35 28.19 12.72
CA ASN B 77 -34.77 28.43 12.98
C ASN B 77 -35.35 29.56 12.12
N MET B 78 -36.18 29.18 11.16
CA MET B 78 -36.76 30.16 10.22
C MET B 78 -38.26 29.98 10.04
N GLY B 79 -38.87 30.90 9.29
CA GLY B 79 -40.28 30.83 8.95
C GLY B 79 -41.16 31.77 9.74
N HIS B 80 -42.47 31.61 9.55
CA HIS B 80 -43.46 32.50 10.14
C HIS B 80 -43.48 32.45 11.67
N ASN B 81 -43.19 33.58 12.29
CA ASN B 81 -43.17 33.72 13.75
C ASN B 81 -42.39 32.62 14.47
N ALA B 82 -41.12 32.48 14.14
CA ALA B 82 -40.25 31.49 14.78
C ALA B 82 -39.60 32.04 16.05
N GLY B 83 -40.06 33.21 16.50
CA GLY B 83 -39.52 33.86 17.67
C GLY B 83 -38.01 34.05 17.60
N ILE B 84 -37.34 33.76 18.72
CA ILE B 84 -35.89 33.88 18.82
C ILE B 84 -35.16 32.87 17.94
N LYS B 85 -34.22 33.35 17.13
CA LYS B 85 -33.43 32.45 16.29
C LYS B 85 -32.32 31.77 17.08
N TYR B 86 -31.79 30.70 16.51
CA TYR B 86 -30.67 30.01 17.12
C TYR B 86 -30.06 29.13 16.06
N THR B 87 -28.76 28.89 16.19
CA THR B 87 -28.06 28.05 15.24
C THR B 87 -27.43 26.87 15.98
N ASP B 88 -28.13 25.72 15.95
CA ASP B 88 -27.63 24.48 16.52
C ASP B 88 -26.65 23.75 15.60
N ASN B 89 -25.82 22.89 16.19
CA ASN B 89 -24.87 22.09 15.42
C ASN B 89 -24.99 20.63 15.77
N GLN B 90 -24.95 19.78 14.75
CA GLN B 90 -25.00 18.35 14.95
C GLN B 90 -24.02 17.68 14.00
N ARG B 91 -23.24 16.76 14.54
CA ARG B 91 -22.29 16.00 13.76
C ARG B 91 -22.95 14.70 13.36
N VAL B 92 -22.55 14.20 12.19
CA VAL B 92 -23.07 12.96 11.64
C VAL B 92 -21.92 12.06 11.15
N ILE B 93 -21.94 10.82 11.60
CA ILE B 93 -20.90 9.86 11.20
C ILE B 93 -21.53 8.65 10.57
N ILE B 94 -21.27 8.49 9.27
CA ILE B 94 -21.77 7.33 8.55
C ILE B 94 -20.62 6.35 8.42
N LEU B 95 -20.77 5.17 9.03
CA LEU B 95 -19.79 4.13 8.84
C LEU B 95 -20.14 3.47 7.52
N VAL B 96 -19.14 3.29 6.67
CA VAL B 96 -19.37 2.69 5.38
C VAL B 96 -18.67 1.35 5.30
N LYS B 97 -19.46 0.31 5.05
CA LYS B 97 -18.95 -1.05 5.01
C LYS B 97 -18.62 -1.50 3.58
N ASP B 98 -17.65 -2.40 3.48
CA ASP B 98 -17.13 -2.78 2.19
C ASP B 98 -18.00 -3.84 1.55
N VAL B 99 -18.19 -3.74 0.24
CA VAL B 99 -18.72 -4.88 -0.50
C VAL B 99 -17.78 -5.18 -1.64
N ASN B 100 -17.83 -6.40 -2.15
CA ASN B 100 -17.00 -6.75 -3.27
C ASN B 100 -17.53 -6.16 -4.57
N ASP B 101 -16.90 -5.09 -5.04
CA ASP B 101 -17.45 -4.33 -6.13
C ASP B 101 -16.40 -3.62 -6.98
N GLU B 102 -15.15 -4.01 -6.83
CA GLU B 102 -14.10 -3.45 -7.67
C GLU B 102 -13.39 -4.59 -8.40
N PRO B 103 -13.21 -4.46 -9.72
CA PRO B 103 -12.56 -5.52 -10.51
C PRO B 103 -11.07 -5.66 -10.17
N PRO B 104 -10.51 -6.87 -10.36
CA PRO B 104 -9.08 -7.12 -10.19
C PRO B 104 -8.25 -6.44 -11.28
N TYR B 105 -6.97 -6.25 -11.00
CA TYR B 105 -6.05 -5.68 -11.98
C TYR B 105 -4.69 -6.35 -11.89
N PHE B 106 -3.98 -6.48 -13.02
CA PHE B 106 -2.65 -7.09 -13.04
C PHE B 106 -1.59 -6.12 -12.53
N ILE B 107 -0.68 -6.64 -11.72
CA ILE B 107 0.41 -5.85 -11.17
C ILE B 107 1.75 -6.21 -11.84
N ASN B 108 1.71 -7.19 -12.74
CA ASN B 108 2.86 -7.54 -13.59
C ASN B 108 3.50 -6.35 -14.27
N ARG B 109 4.81 -6.17 -14.07
CA ARG B 109 5.53 -5.15 -14.82
C ARG B 109 6.80 -5.77 -15.38
N PRO B 110 7.18 -5.37 -16.61
CA PRO B 110 6.49 -4.39 -17.45
C PRO B 110 5.31 -4.96 -18.23
N LEU B 111 4.52 -4.06 -18.81
CA LEU B 111 3.46 -4.41 -19.73
C LEU B 111 3.86 -3.84 -21.08
N PRO B 112 3.48 -4.51 -22.18
CA PRO B 112 2.73 -5.77 -22.19
C PRO B 112 3.55 -6.91 -21.58
N MET B 113 2.90 -7.97 -21.13
CA MET B 113 3.61 -9.11 -20.56
C MET B 113 4.45 -9.83 -21.61
N GLN B 114 5.73 -10.04 -21.28
CA GLN B 114 6.67 -10.65 -22.21
C GLN B 114 7.55 -11.69 -21.53
N ALA B 115 7.81 -12.78 -22.23
CA ALA B 115 8.62 -13.85 -21.67
C ALA B 115 9.40 -14.58 -22.74
N VAL B 116 10.23 -15.51 -22.27
CA VAL B 116 11.07 -16.28 -23.14
C VAL B 116 10.84 -17.74 -22.84
N VAL B 117 10.97 -18.60 -23.84
CA VAL B 117 10.95 -20.04 -23.57
C VAL B 117 12.17 -20.73 -24.18
N GLN B 118 12.82 -21.59 -23.40
CA GLN B 118 13.93 -22.35 -23.91
C GLN B 118 13.45 -23.30 -24.98
N LEU B 119 14.26 -23.45 -26.04
CA LEU B 119 13.89 -24.21 -27.21
C LEU B 119 13.59 -25.66 -26.86
N ASN B 120 14.34 -26.18 -25.89
CA ASN B 120 14.19 -27.58 -25.48
C ASN B 120 13.66 -27.70 -24.04
N ALA B 121 12.80 -26.76 -23.64
CA ALA B 121 12.21 -26.74 -22.31
C ALA B 121 11.43 -28.02 -22.02
N PRO B 122 11.84 -28.74 -20.97
CA PRO B 122 10.99 -29.88 -20.58
C PRO B 122 9.59 -29.44 -20.17
N PRO B 123 8.66 -30.38 -20.28
CA PRO B 123 7.27 -30.15 -19.88
C PRO B 123 7.14 -29.62 -18.45
N ASN B 124 6.22 -28.67 -18.24
CA ASN B 124 5.96 -28.02 -16.97
C ASN B 124 7.01 -27.00 -16.57
N THR B 125 7.82 -26.57 -17.52
CA THR B 125 8.75 -25.51 -17.22
C THR B 125 8.01 -24.20 -16.93
N PRO B 126 8.30 -23.61 -15.76
CA PRO B 126 7.69 -22.34 -15.35
C PRO B 126 8.33 -21.20 -16.14
N VAL B 127 7.51 -20.46 -16.88
CA VAL B 127 7.99 -19.49 -17.83
C VAL B 127 7.63 -18.03 -17.43
N PHE B 128 6.51 -17.87 -16.73
CA PHE B 128 6.01 -16.56 -16.36
C PHE B 128 5.09 -16.69 -15.13
N THR B 129 4.89 -15.59 -14.40
CA THR B 129 3.92 -15.60 -13.30
C THR B 129 2.87 -14.48 -13.43
N LEU B 130 1.64 -14.85 -13.78
CA LEU B 130 0.54 -13.88 -13.74
C LEU B 130 0.33 -13.43 -12.30
N GLN B 131 0.22 -12.13 -12.08
CA GLN B 131 -0.01 -11.61 -10.74
C GLN B 131 -1.03 -10.51 -10.77
N ALA B 132 -2.17 -10.76 -10.15
CA ALA B 132 -3.22 -9.77 -10.10
C ALA B 132 -3.53 -9.39 -8.66
N ARG B 133 -3.97 -8.16 -8.45
CA ARG B 133 -4.52 -7.79 -7.15
C ARG B 133 -5.94 -7.31 -7.32
N ASP B 134 -6.63 -7.15 -6.20
CA ASP B 134 -8.00 -6.70 -6.21
C ASP B 134 -8.21 -5.82 -4.98
N PRO B 135 -8.94 -4.71 -5.15
CA PRO B 135 -9.05 -3.67 -4.12
C PRO B 135 -9.93 -4.05 -2.94
N ASP B 136 -10.90 -4.94 -3.16
CA ASP B 136 -11.83 -5.29 -2.08
C ASP B 136 -11.16 -6.08 -0.95
N THR B 137 -11.76 -6.07 0.23
CA THR B 137 -11.15 -6.73 1.39
C THR B 137 -11.41 -8.22 1.28
N ASP B 138 -12.26 -8.59 0.32
CA ASP B 138 -12.86 -9.91 0.28
C ASP B 138 -12.56 -10.71 -1.02
N HIS B 139 -11.43 -10.44 -1.66
CA HIS B 139 -11.13 -11.01 -2.97
C HIS B 139 -10.83 -12.49 -2.97
N ASN B 140 -11.05 -13.11 -4.14
CA ASN B 140 -10.82 -14.53 -4.36
C ASN B 140 -10.34 -14.76 -5.80
N ILE B 141 -9.05 -14.56 -6.02
CA ILE B 141 -8.51 -14.43 -7.37
C ILE B 141 -8.18 -15.72 -8.10
N HIS B 142 -8.76 -15.89 -9.29
CA HIS B 142 -8.42 -17.02 -10.17
C HIS B 142 -7.82 -16.53 -11.48
N TYR B 143 -6.90 -17.32 -12.04
CA TYR B 143 -6.19 -16.96 -13.25
C TYR B 143 -6.53 -17.90 -14.42
N PHE B 144 -6.69 -17.36 -15.63
CA PHE B 144 -7.07 -18.16 -16.79
C PHE B 144 -6.45 -17.69 -18.09
N ILE B 145 -6.22 -18.64 -18.98
CA ILE B 145 -5.99 -18.35 -20.40
C ILE B 145 -7.35 -18.22 -21.07
N VAL B 146 -7.58 -17.12 -21.78
CA VAL B 146 -8.87 -16.95 -22.45
C VAL B 146 -8.79 -17.24 -23.96
N ARG B 147 -7.67 -16.87 -24.58
CA ARG B 147 -7.43 -17.24 -25.96
C ARG B 147 -6.02 -17.82 -26.04
N ASP B 148 -5.91 -19.04 -26.56
CA ASP B 148 -4.63 -19.71 -26.69
C ASP B 148 -4.32 -19.81 -28.15
N ARG B 149 -3.25 -19.16 -28.60
CA ARG B 149 -2.90 -19.19 -30.01
C ARG B 149 -1.65 -20.03 -30.27
N THR B 150 -1.49 -21.12 -29.53
CA THR B 150 -0.24 -21.88 -29.57
C THR B 150 -0.43 -23.40 -29.64
N GLY B 151 -1.67 -23.85 -29.68
CA GLY B 151 -1.92 -25.28 -29.79
C GLY B 151 -1.68 -26.03 -28.49
N GLY B 152 -1.95 -25.38 -27.37
CA GLY B 152 -1.84 -26.01 -26.06
C GLY B 152 -0.44 -26.25 -25.58
N ARG B 153 0.49 -25.33 -25.88
CA ARG B 153 1.86 -25.48 -25.40
C ARG B 153 2.05 -24.93 -23.97
N PHE B 154 1.06 -24.21 -23.46
CA PHE B 154 1.14 -23.60 -22.14
C PHE B 154 -0.15 -23.80 -21.35
N GLU B 155 -0.02 -23.93 -20.03
CA GLU B 155 -1.18 -23.91 -19.16
C GLU B 155 -0.88 -22.87 -18.12
N VAL B 156 -1.93 -22.34 -17.48
CA VAL B 156 -1.73 -21.44 -16.35
C VAL B 156 -2.40 -21.99 -15.11
N ASP B 157 -1.67 -21.97 -14.00
CA ASP B 157 -2.20 -22.40 -12.73
C ASP B 157 -3.31 -21.44 -12.28
N GLU B 158 -4.49 -21.98 -11.99
CA GLU B 158 -5.65 -21.17 -11.67
C GLU B 158 -5.41 -20.36 -10.40
N ARG B 159 -4.58 -20.91 -9.53
CA ARG B 159 -4.41 -20.33 -8.22
C ARG B 159 -3.13 -19.53 -8.11
N SER B 160 -2.04 -20.05 -8.65
CA SER B 160 -0.75 -19.42 -8.41
C SER B 160 -0.40 -18.45 -9.53
N GLY B 161 -1.05 -18.60 -10.68
CA GLY B 161 -0.79 -17.73 -11.81
C GLY B 161 0.48 -18.09 -12.56
N VAL B 162 1.13 -19.17 -12.14
CA VAL B 162 2.34 -19.66 -12.81
C VAL B 162 2.02 -20.23 -14.20
N VAL B 163 2.78 -19.81 -15.21
CA VAL B 163 2.58 -20.28 -16.57
C VAL B 163 3.65 -21.32 -16.98
N ARG B 164 3.19 -22.54 -17.28
CA ARG B 164 4.07 -23.67 -17.59
C ARG B 164 3.94 -24.17 -19.03
N THR B 165 5.05 -24.68 -19.56
CA THR B 165 5.02 -25.38 -20.85
C THR B 165 4.37 -26.75 -20.74
N ARG B 166 3.74 -27.17 -21.82
CA ARG B 166 3.20 -28.52 -21.92
C ARG B 166 3.81 -29.24 -23.13
N GLY B 167 3.96 -30.56 -23.03
CA GLY B 167 4.45 -31.35 -24.15
C GLY B 167 5.96 -31.33 -24.27
N THR B 168 6.49 -32.31 -25.00
CA THR B 168 7.94 -32.47 -25.17
C THR B 168 8.50 -31.77 -26.42
N ASP B 169 7.64 -31.44 -27.38
CA ASP B 169 8.09 -30.75 -28.59
C ASP B 169 8.95 -29.51 -28.36
N LEU B 170 9.98 -29.37 -29.18
CA LEU B 170 10.87 -28.22 -29.13
C LEU B 170 10.07 -26.94 -29.34
N PHE B 171 10.66 -25.82 -28.94
CA PHE B 171 10.11 -24.52 -29.23
C PHE B 171 10.99 -23.89 -30.28
N GLN B 172 10.46 -22.89 -30.98
CA GLN B 172 11.09 -22.39 -32.18
C GLN B 172 11.78 -21.06 -31.94
N LEU B 173 13.08 -21.04 -32.20
CA LEU B 173 13.87 -19.83 -32.07
C LEU B 173 13.16 -18.62 -32.67
N ASP B 174 13.16 -17.51 -31.94
CA ASP B 174 12.55 -16.25 -32.34
C ASP B 174 11.05 -16.28 -32.69
N MET B 175 10.41 -17.44 -32.57
CA MET B 175 8.97 -17.53 -32.79
C MET B 175 8.19 -16.96 -31.60
N GLU B 176 7.11 -16.22 -31.89
CA GLU B 176 6.25 -15.69 -30.84
C GLU B 176 5.10 -16.63 -30.50
N TYR B 177 5.06 -17.03 -29.23
CA TYR B 177 3.95 -17.81 -28.74
C TYR B 177 3.05 -16.91 -27.92
N VAL B 178 1.80 -16.76 -28.38
CA VAL B 178 0.86 -15.79 -27.83
C VAL B 178 -0.29 -16.45 -27.08
N LEU B 179 -0.52 -15.97 -25.86
CA LEU B 179 -1.71 -16.32 -25.08
C LEU B 179 -2.49 -15.07 -24.72
N TYR B 180 -3.79 -15.21 -24.54
CA TYR B 180 -4.56 -14.14 -23.90
C TYR B 180 -5.03 -14.59 -22.52
N VAL B 181 -4.80 -13.75 -21.54
CA VAL B 181 -5.03 -14.12 -20.15
C VAL B 181 -5.90 -13.10 -19.45
N LYS B 182 -6.50 -13.52 -18.35
CA LYS B 182 -7.21 -12.61 -17.48
C LYS B 182 -7.25 -13.21 -16.08
N ALA B 183 -7.58 -12.38 -15.09
CA ALA B 183 -7.88 -12.86 -13.75
C ALA B 183 -9.27 -12.39 -13.31
N GLU B 184 -9.97 -13.25 -12.59
CA GLU B 184 -11.31 -12.97 -12.05
C GLU B 184 -11.27 -12.92 -10.53
N ASP B 185 -12.08 -12.05 -9.95
CA ASP B 185 -12.36 -12.16 -8.52
C ASP B 185 -13.66 -12.94 -8.38
N GLN B 186 -13.54 -14.21 -8.01
CA GLN B 186 -14.73 -15.05 -7.90
C GLN B 186 -15.53 -14.86 -6.62
N ASN B 187 -15.15 -13.87 -5.81
CA ASN B 187 -16.00 -13.40 -4.72
C ASN B 187 -16.83 -12.20 -5.08
N GLY B 188 -16.73 -11.73 -6.33
CA GLY B 188 -17.52 -10.63 -6.80
C GLY B 188 -18.22 -10.97 -8.10
N LYS B 189 -19.54 -11.19 -8.03
CA LYS B 189 -20.31 -11.49 -9.24
C LYS B 189 -20.79 -10.19 -9.88
N VAL B 190 -20.98 -10.20 -11.19
CA VAL B 190 -21.54 -9.05 -11.89
C VAL B 190 -22.81 -9.45 -12.66
N ASP B 191 -22.91 -10.74 -12.97
CA ASP B 191 -24.09 -11.31 -13.63
C ASP B 191 -24.47 -12.65 -13.00
N ASP B 192 -25.47 -13.30 -13.59
CA ASP B 192 -25.87 -14.65 -13.18
C ASP B 192 -24.69 -15.60 -13.30
N ARG B 193 -23.82 -15.31 -14.27
CA ARG B 193 -22.70 -16.18 -14.56
C ARG B 193 -21.35 -15.49 -14.34
N ARG B 194 -21.23 -14.26 -14.84
CA ARG B 194 -19.94 -13.56 -14.90
C ARG B 194 -19.40 -13.02 -13.56
N PHE B 195 -18.13 -13.31 -13.29
CA PHE B 195 -17.41 -12.72 -12.15
C PHE B 195 -16.68 -11.46 -12.58
N GLN B 196 -16.29 -10.64 -11.62
CA GLN B 196 -15.43 -9.49 -11.90
C GLN B 196 -14.15 -9.98 -12.59
N SER B 197 -13.60 -9.17 -13.49
CA SER B 197 -12.39 -9.59 -14.17
C SER B 197 -11.49 -8.45 -14.65
N THR B 198 -10.20 -8.76 -14.80
CA THR B 198 -9.27 -7.84 -15.42
C THR B 198 -9.62 -7.77 -16.87
N PRO B 199 -9.11 -6.74 -17.55
CA PRO B 199 -9.07 -6.71 -19.02
C PRO B 199 -8.22 -7.89 -19.57
N GLU B 200 -8.55 -8.39 -20.75
CA GLU B 200 -7.74 -9.38 -21.43
C GLU B 200 -6.33 -8.85 -21.63
N GLU B 201 -5.34 -9.67 -21.30
CA GLU B 201 -3.96 -9.26 -21.47
C GLU B 201 -3.28 -10.19 -22.48
N ARG B 202 -2.43 -9.61 -23.32
CA ARG B 202 -1.70 -10.38 -24.32
C ARG B 202 -0.33 -10.76 -23.76
N LEU B 203 -0.10 -12.05 -23.59
CA LEU B 203 1.19 -12.54 -23.10
C LEU B 203 2.03 -13.06 -24.26
N SER B 204 3.16 -12.38 -24.47
CA SER B 204 4.10 -12.71 -25.54
C SER B 204 5.21 -13.60 -25.00
N ILE B 205 5.37 -14.77 -25.62
CA ILE B 205 6.42 -15.70 -25.19
C ILE B 205 7.27 -16.04 -26.39
N VAL B 206 8.49 -15.51 -26.42
CA VAL B 206 9.37 -15.72 -27.56
C VAL B 206 10.38 -16.88 -27.35
N GLY B 207 10.50 -17.74 -28.36
CA GLY B 207 11.44 -18.86 -28.31
C GLY B 207 12.88 -18.42 -28.19
N GLY B 208 13.63 -19.04 -27.28
CA GLY B 208 15.04 -18.76 -27.14
C GLY B 208 15.41 -17.45 -26.45
N LYS B 209 15.30 -16.34 -27.18
CA LYS B 209 15.80 -15.06 -26.67
C LYS B 209 15.05 -13.87 -27.28
N ARG B 210 15.23 -12.69 -26.71
CA ARG B 210 14.52 -11.50 -27.18
C ARG B 210 15.10 -10.23 -26.61
N ALA B 211 14.93 -9.12 -27.32
CA ALA B 211 15.47 -7.84 -26.91
C ALA B 211 14.85 -7.37 -25.62
N PRO B 212 15.51 -6.42 -24.94
CA PRO B 212 15.07 -5.94 -23.62
C PRO B 212 13.75 -5.15 -23.67
N GLN B 213 13.09 -5.01 -22.53
CA GLN B 213 11.85 -4.24 -22.47
C GLN B 213 11.91 -3.17 -21.38
N PHE B 214 11.36 -2.01 -21.67
CA PHE B 214 11.34 -0.93 -20.69
C PHE B 214 10.19 -1.14 -19.72
N TYR B 215 10.31 -0.59 -18.51
CA TYR B 215 9.25 -0.77 -17.54
C TYR B 215 8.08 0.12 -17.84
N MET B 216 8.31 1.13 -18.70
CA MET B 216 7.23 1.93 -19.28
C MET B 216 7.39 2.02 -20.81
N PRO B 217 6.27 1.94 -21.53
CA PRO B 217 6.30 1.93 -22.99
C PRO B 217 6.69 3.31 -23.58
N SER B 218 6.55 4.35 -22.78
CA SER B 218 7.11 5.66 -23.13
C SER B 218 7.28 6.45 -21.87
N TYR B 219 8.14 7.45 -21.89
CA TYR B 219 8.38 8.27 -20.70
C TYR B 219 8.12 9.74 -20.96
N GLU B 220 7.64 10.44 -19.93
CA GLU B 220 7.35 11.86 -20.00
C GLU B 220 7.77 12.53 -18.72
N ALA B 221 8.25 13.76 -18.85
CA ALA B 221 8.66 14.56 -17.70
C ALA B 221 8.26 16.01 -17.92
N GLU B 222 7.98 16.70 -16.82
CA GLU B 222 7.70 18.11 -16.87
C GLU B 222 8.59 18.81 -15.87
N ILE B 223 9.21 19.91 -16.27
CA ILE B 223 10.11 20.63 -15.38
C ILE B 223 9.95 22.14 -15.56
N PRO B 224 10.22 22.90 -14.49
CA PRO B 224 10.14 24.36 -14.59
C PRO B 224 11.41 24.92 -15.24
N GLU B 225 11.28 26.07 -15.89
CA GLU B 225 12.40 26.76 -16.52
C GLU B 225 13.62 26.83 -15.58
N ASN B 226 13.37 26.92 -14.28
CA ASN B 226 14.42 27.14 -13.28
C ASN B 226 15.12 25.86 -12.82
N GLN B 227 14.71 24.73 -13.41
CA GLN B 227 15.31 23.43 -13.15
C GLN B 227 16.82 23.53 -12.97
N LYS B 228 17.31 23.04 -11.84
CA LYS B 228 18.73 23.13 -11.53
C LYS B 228 19.56 22.31 -12.48
N LYS B 229 20.59 22.93 -13.05
CA LYS B 229 21.51 22.24 -13.95
C LYS B 229 22.12 21.02 -13.28
N ASP B 230 22.23 19.94 -14.03
CA ASP B 230 22.87 18.71 -13.57
C ASP B 230 22.11 17.98 -12.47
N SER B 231 20.86 18.40 -12.25
CA SER B 231 19.98 17.71 -11.32
C SER B 231 19.36 16.48 -11.99
N ASP B 232 18.67 15.66 -11.19
CA ASP B 232 18.03 14.43 -11.67
C ASP B 232 16.62 14.71 -12.15
N ILE B 233 16.29 14.20 -13.33
CA ILE B 233 15.02 14.51 -13.98
C ILE B 233 14.05 13.32 -14.01
N ILE B 234 14.55 12.16 -14.40
CA ILE B 234 13.71 10.97 -14.48
C ILE B 234 14.57 9.73 -14.55
N SER B 235 14.06 8.62 -14.04
CA SER B 235 14.79 7.36 -14.05
C SER B 235 14.11 6.41 -15.00
N ILE B 236 14.90 5.81 -15.89
CA ILE B 236 14.39 4.93 -16.93
C ILE B 236 15.07 3.58 -16.78
N LYS B 237 14.25 2.53 -16.74
CA LYS B 237 14.76 1.18 -16.55
C LYS B 237 14.23 0.23 -17.61
N ALA B 238 15.10 -0.62 -18.13
CA ALA B 238 14.67 -1.73 -18.98
C ALA B 238 15.13 -3.01 -18.33
N LYS B 239 14.52 -4.12 -18.70
CA LYS B 239 14.96 -5.39 -18.17
C LYS B 239 15.47 -6.26 -19.29
N SER B 240 16.50 -7.04 -18.99
CA SER B 240 16.97 -8.05 -19.92
C SER B 240 16.36 -9.40 -19.56
N PHE B 241 15.82 -10.09 -20.56
CA PHE B 241 15.19 -11.37 -20.31
C PHE B 241 16.23 -12.46 -20.01
N ALA B 242 17.51 -12.15 -20.25
CA ALA B 242 18.56 -13.07 -19.91
C ALA B 242 19.45 -12.49 -18.82
N ASP B 243 18.98 -11.40 -18.21
CA ASP B 243 19.74 -10.74 -17.14
C ASP B 243 21.14 -10.33 -17.61
N ARG B 244 21.24 -9.87 -18.85
CA ARG B 244 22.49 -9.36 -19.38
C ARG B 244 22.64 -7.96 -18.87
N GLU B 245 23.86 -7.44 -18.88
CA GLU B 245 24.05 -6.08 -18.42
C GLU B 245 23.43 -5.11 -19.41
N ILE B 246 22.82 -4.05 -18.91
CA ILE B 246 22.14 -3.06 -19.75
C ILE B 246 22.90 -1.75 -19.77
N ARG B 247 23.08 -1.18 -20.95
CA ARG B 247 23.70 0.14 -21.08
C ARG B 247 22.75 1.15 -21.73
N TYR B 248 22.52 2.28 -21.06
CA TYR B 248 21.55 3.27 -21.53
C TYR B 248 22.19 4.42 -22.32
N THR B 249 21.60 4.75 -23.47
CA THR B 249 22.05 5.89 -24.26
C THR B 249 20.87 6.77 -24.65
N LEU B 250 21.17 8.03 -24.94
CA LEU B 250 20.14 9.04 -25.15
C LEU B 250 20.45 9.89 -26.39
N LYS B 251 19.45 10.11 -27.23
CA LYS B 251 19.63 10.94 -28.41
C LYS B 251 18.39 11.79 -28.67
N ALA B 252 18.62 13.04 -29.11
CA ALA B 252 17.52 13.95 -29.40
C ALA B 252 17.10 13.85 -30.87
N GLN B 253 15.79 13.84 -31.10
CA GLN B 253 15.28 13.79 -32.45
C GLN B 253 15.51 15.13 -33.16
N GLY B 254 14.84 16.17 -32.67
CA GLY B 254 15.02 17.49 -33.26
C GLY B 254 15.97 18.39 -32.49
N GLN B 255 15.44 19.50 -31.98
CA GLN B 255 16.25 20.47 -31.24
C GLN B 255 16.74 19.84 -29.95
N GLY B 256 17.80 20.41 -29.39
CA GLY B 256 18.24 20.07 -28.05
C GLY B 256 19.14 18.87 -27.84
N ALA B 257 20.10 18.65 -28.74
CA ALA B 257 21.12 17.65 -28.45
C ALA B 257 21.94 18.15 -27.27
N GLY B 258 22.39 17.21 -26.43
CA GLY B 258 23.31 17.53 -25.36
C GLY B 258 22.79 18.44 -24.26
N THR B 259 21.50 18.74 -24.26
CA THR B 259 20.96 19.45 -23.10
C THR B 259 20.53 18.44 -22.02
N PHE B 260 20.34 17.20 -22.45
CA PHE B 260 20.17 16.08 -21.54
C PHE B 260 21.18 14.98 -21.83
N ASN B 261 21.56 14.26 -20.78
CA ASN B 261 22.34 13.04 -20.94
C ASN B 261 21.84 11.99 -19.95
N ILE B 262 22.25 10.74 -20.14
CA ILE B 262 21.78 9.66 -19.28
C ILE B 262 22.96 8.83 -18.80
N GLY B 263 22.91 8.44 -17.52
CA GLY B 263 23.90 7.53 -16.96
C GLY B 263 23.81 6.17 -17.63
N PRO B 264 24.90 5.73 -18.26
CA PRO B 264 24.89 4.51 -19.08
C PRO B 264 24.52 3.27 -18.26
N THR B 265 24.69 3.35 -16.95
CA THR B 265 24.40 2.24 -16.07
C THR B 265 23.19 2.52 -15.19
N SER B 266 23.14 3.72 -14.63
CA SER B 266 22.07 4.10 -13.72
C SER B 266 20.75 4.30 -14.44
N GLY B 267 20.81 4.71 -15.71
CA GLY B 267 19.62 5.01 -16.48
C GLY B 267 18.91 6.28 -16.01
N ILE B 268 19.65 7.13 -15.31
CA ILE B 268 19.08 8.36 -14.77
C ILE B 268 19.32 9.52 -15.75
N VAL B 269 18.30 10.36 -15.93
CA VAL B 269 18.42 11.48 -16.83
C VAL B 269 18.69 12.78 -16.07
N LYS B 270 19.80 13.44 -16.41
CA LYS B 270 20.15 14.72 -15.81
C LYS B 270 20.09 15.89 -16.80
N LEU B 271 19.78 17.08 -16.27
CA LEU B 271 19.81 18.31 -17.04
C LEU B 271 21.27 18.72 -17.27
N ALA B 272 21.72 18.68 -18.51
CA ALA B 272 23.13 18.93 -18.79
C ALA B 272 23.44 20.41 -19.07
N LYS B 273 22.40 21.21 -19.28
CA LYS B 273 22.59 22.62 -19.61
C LYS B 273 21.52 23.51 -18.99
N GLU B 274 21.82 24.79 -18.86
CA GLU B 274 20.88 25.74 -18.27
C GLU B 274 19.66 25.96 -19.16
N LEU B 275 18.49 26.01 -18.54
CA LEU B 275 17.24 26.23 -19.26
C LEU B 275 16.80 27.69 -19.13
N ASP B 276 16.58 28.34 -20.28
CA ASP B 276 16.13 29.74 -20.33
C ASP B 276 15.19 30.01 -21.50
N PHE B 277 14.00 30.51 -21.20
CA PHE B 277 13.01 30.81 -22.23
C PHE B 277 13.38 32.01 -23.10
N GLU B 278 14.32 32.82 -22.63
CA GLU B 278 14.84 33.92 -23.45
C GLU B 278 15.57 33.37 -24.65
N ASP B 279 16.12 32.16 -24.52
CA ASP B 279 16.87 31.55 -25.59
C ASP B 279 15.92 30.80 -26.52
N LEU B 280 15.77 31.30 -27.75
CA LEU B 280 14.75 30.79 -28.66
C LEU B 280 15.17 29.48 -29.31
N ARG B 281 16.46 29.20 -29.27
CA ARG B 281 16.99 27.96 -29.83
C ARG B 281 16.51 26.77 -29.02
N GLN B 282 16.39 26.97 -27.70
CA GLN B 282 15.92 25.93 -26.79
C GLN B 282 14.41 25.69 -26.95
N PRO B 283 14.03 24.44 -27.21
CA PRO B 283 12.59 24.18 -27.37
C PRO B 283 11.91 24.01 -26.02
N HIS B 284 10.58 24.14 -26.01
CA HIS B 284 9.79 23.92 -24.80
C HIS B 284 9.45 22.45 -24.59
N VAL B 285 9.56 21.67 -25.67
CA VAL B 285 9.30 20.23 -25.62
C VAL B 285 10.41 19.45 -26.32
N TYR B 286 11.05 18.55 -25.57
CA TYR B 286 12.12 17.74 -26.12
C TYR B 286 11.64 16.34 -26.48
N SER B 287 11.85 15.96 -27.74
CA SER B 287 11.66 14.56 -28.16
C SER B 287 12.96 13.82 -28.03
N LEU B 288 13.08 12.97 -27.02
CA LEU B 288 14.30 12.20 -26.86
C LEU B 288 14.07 10.73 -27.15
N ILE B 289 15.12 10.04 -27.56
CA ILE B 289 15.03 8.60 -27.64
C ILE B 289 16.10 7.93 -26.80
N VAL B 290 15.65 7.21 -25.78
CA VAL B 290 16.55 6.46 -24.92
C VAL B 290 16.68 5.04 -25.46
N THR B 291 17.89 4.52 -25.42
CA THR B 291 18.14 3.21 -25.97
C THR B 291 18.77 2.29 -24.92
N ALA B 292 18.29 1.06 -24.86
CA ALA B 292 18.82 0.06 -23.94
C ALA B 292 19.51 -1.03 -24.75
N THR B 293 20.82 -1.10 -24.64
CA THR B 293 21.54 -2.14 -25.37
C THR B 293 22.20 -3.10 -24.40
N GLU B 294 22.09 -4.40 -24.69
CA GLU B 294 22.70 -5.41 -23.86
C GLU B 294 24.21 -5.51 -24.08
N ASP B 295 24.97 -5.50 -22.99
CA ASP B 295 26.42 -5.57 -23.05
C ASP B 295 26.93 -6.94 -23.49
N SER B 296 26.02 -7.89 -23.64
CA SER B 296 26.38 -9.18 -24.22
C SER B 296 26.78 -8.99 -25.67
N GLY B 297 26.54 -7.79 -26.19
CA GLY B 297 26.77 -7.49 -27.59
C GLY B 297 25.59 -7.95 -28.43
N GLY B 298 24.75 -7.00 -28.83
CA GLY B 298 23.67 -7.33 -29.75
C GLY B 298 22.34 -6.63 -29.52
N PHE B 299 21.55 -7.14 -28.58
CA PHE B 299 20.16 -6.70 -28.44
C PHE B 299 19.99 -5.27 -27.93
N SER B 300 19.10 -4.55 -28.60
CA SER B 300 18.85 -3.16 -28.27
C SER B 300 17.36 -2.90 -28.38
N THR B 301 16.85 -2.03 -27.51
CA THR B 301 15.47 -1.57 -27.58
C THR B 301 15.44 -0.06 -27.35
N SER B 302 14.53 0.63 -28.04
CA SER B 302 14.42 2.08 -27.88
C SER B 302 13.06 2.50 -27.33
N VAL B 303 13.01 3.68 -26.71
CA VAL B 303 11.77 4.20 -26.18
C VAL B 303 11.74 5.73 -26.26
N ASP B 304 10.54 6.30 -26.35
CA ASP B 304 10.39 7.75 -26.40
C ASP B 304 10.45 8.38 -25.03
N LEU B 305 11.11 9.53 -24.95
CA LEU B 305 11.18 10.30 -23.71
C LEU B 305 10.80 11.71 -24.06
N THR B 306 9.71 12.21 -23.51
CA THR B 306 9.26 13.55 -23.82
C THR B 306 9.38 14.47 -22.61
N ILE B 307 10.14 15.54 -22.76
CA ILE B 307 10.31 16.50 -21.67
C ILE B 307 9.78 17.89 -22.02
N ARG B 308 8.71 18.29 -21.35
CA ARG B 308 8.10 19.61 -21.52
C ARG B 308 8.60 20.56 -20.45
N VAL B 309 8.99 21.77 -20.84
CA VAL B 309 9.46 22.74 -19.85
C VAL B 309 8.44 23.84 -19.58
N THR B 310 8.26 24.17 -18.31
CA THR B 310 7.27 25.17 -17.89
C THR B 310 7.89 26.32 -17.10
N ASP B 311 7.06 27.00 -16.30
CA ASP B 311 7.45 28.22 -15.61
C ASP B 311 7.73 28.03 -14.12
ZN ZN C . -6.06 -8.72 0.26
CA CA D . -2.53 -15.02 7.02
CA CA E . 2.51 -16.02 2.80
CA CA F . 5.84 -15.98 4.58
CA CA G . -16.21 0.36 -4.39
CA CA H . -15.34 -2.32 -2.29
CA CA I . -13.20 -7.53 -6.36
#